data_5KJS
#
_entry.id   5KJS
#
_cell.length_a   99.910
_cell.length_b   99.910
_cell.length_c   83.870
_cell.angle_alpha   90.00
_cell.angle_beta   90.00
_cell.angle_gamma   120.00
#
_symmetry.space_group_name_H-M   'P 32 2 1'
#
loop_
_entity.id
_entity.type
_entity.pdbx_description
1 polymer 'Shikimate O-hydroxycinnamoyltransferase'
2 water water
#
_entity_poly.entity_id   1
_entity_poly.type   'polypeptide(L)'
_entity_poly.pdbx_seq_one_letter_code
;(MSE)KINIRDST(MSE)VRPATETPITNLWNSNVDLVIPRFHTPSVYFYRPTGASNFFDPQV(MSE)KEALSKALVPFY
P(MSE)AGRLKRDDDGRIEIDCNGAGVLFVVADTPSVIDDFGDFAPTLNLRQLIPEVDHSTGIHSFPLLVLQVTFFKCGG
ASLGVG(MSE)QHHAADGFSGLHFINTWSD(MSE)ARGLDLTIPPFIDRTLLRARDPPQPAFHHVEYQPAPS(MSE)KIP
LDPSKSGPENTTVSIFKLTRDQLVALKAKSKEDGNTVSYSSYE(MSE)LAGHVWRSVGKARGLPNDQETKLYIATDGRSR
LRPQLPPGYFGNVIFTATPLAVAGDLLSKPTWYAAGQIHDFLVR(MSE)DDNYLRSALDYLE(MSE)QPDLSALVRGAHT
YKCPNLGITSWVRLPIYDADFGWGRPIF(MSE)GPGGIPYEGLSFVLPSPTNDGSLSVAIALQSEH(MSE)KLFEKFLFE
I
;
_entity_poly.pdbx_strand_id   A
#
# COMPACT_ATOMS: atom_id res chain seq x y z
N LYS A 2 -12.88 -21.58 -5.26
CA LYS A 2 -12.87 -22.55 -4.17
C LYS A 2 -11.46 -22.79 -3.64
N ILE A 3 -11.28 -22.55 -2.35
CA ILE A 3 -9.99 -22.70 -1.72
C ILE A 3 -10.01 -23.90 -0.76
N ASN A 4 -9.13 -24.85 -1.00
CA ASN A 4 -9.00 -26.00 -0.11
C ASN A 4 -7.72 -25.93 0.70
N ILE A 5 -7.85 -25.77 2.00
CA ILE A 5 -6.68 -25.66 2.87
C ILE A 5 -6.11 -27.04 3.14
N ARG A 6 -4.83 -27.24 2.85
CA ARG A 6 -4.22 -28.52 3.13
C ARG A 6 -3.38 -28.47 4.42
N ASP A 7 -2.85 -27.28 4.77
CA ASP A 7 -1.95 -27.16 5.91
C ASP A 7 -1.93 -25.76 6.51
N SER A 8 -1.76 -25.70 7.82
CA SER A 8 -1.73 -24.43 8.53
C SER A 8 -0.75 -24.49 9.68
N THR A 9 0.30 -23.67 9.60
CA THR A 9 1.39 -23.74 10.55
C THR A 9 1.68 -22.36 11.14
N VAL A 11 4.56 -20.41 12.27
CA VAL A 11 6.00 -20.50 12.13
C VAL A 11 6.67 -19.51 13.07
N ARG A 12 7.62 -20.01 13.87
CA ARG A 12 8.31 -19.20 14.86
C ARG A 12 9.75 -18.95 14.44
N PRO A 13 10.41 -17.94 15.02
CA PRO A 13 11.80 -17.66 14.64
C PRO A 13 12.68 -18.89 14.82
N ALA A 14 13.60 -19.13 13.90
CA ALA A 14 14.43 -20.34 13.93
C ALA A 14 15.23 -20.46 15.21
N THR A 15 15.66 -19.34 15.77
CA THR A 15 16.37 -19.35 17.05
C THR A 15 15.79 -18.26 17.97
N GLU A 16 16.31 -18.16 19.19
CA GLU A 16 15.74 -17.25 20.18
C GLU A 16 15.95 -15.78 19.84
N THR A 17 14.89 -15.00 19.94
CA THR A 17 14.94 -13.59 19.56
C THR A 17 14.72 -12.73 20.80
N PRO A 18 14.98 -11.41 20.71
CA PRO A 18 14.82 -10.65 21.95
C PRO A 18 13.37 -10.57 22.45
N ILE A 19 13.16 -10.87 23.72
CA ILE A 19 11.88 -10.59 24.34
C ILE A 19 11.88 -9.12 24.77
N THR A 20 11.06 -8.31 24.10
CA THR A 20 11.06 -6.87 24.36
C THR A 20 9.78 -6.19 23.87
N ASN A 21 9.53 -4.97 24.36
CA ASN A 21 8.40 -4.15 23.89
C ASN A 21 8.89 -3.04 22.96
N LEU A 22 8.50 -3.09 21.69
CA LEU A 22 8.93 -2.12 20.68
C LEU A 22 8.00 -0.91 20.61
N TRP A 23 8.53 0.27 20.89
CA TRP A 23 7.73 1.49 20.89
C TRP A 23 7.28 1.84 19.47
N ASN A 24 6.10 2.45 19.37
CA ASN A 24 5.54 2.87 18.09
C ASN A 24 5.50 4.37 17.94
N SER A 25 6.06 4.92 16.86
CA SER A 25 5.98 6.38 16.67
C SER A 25 4.56 6.80 16.27
N ASN A 26 4.32 8.09 16.21
CA ASN A 26 3.01 8.59 15.79
C ASN A 26 2.60 8.10 14.38
N VAL A 27 3.58 7.86 13.51
CA VAL A 27 3.28 7.40 12.16
C VAL A 27 3.02 5.89 12.16
N ASP A 28 3.49 5.19 13.18
CA ASP A 28 3.15 3.77 13.28
C ASP A 28 1.78 3.59 13.95
N LEU A 29 1.15 4.69 14.36
CA LEU A 29 -0.15 4.63 15.02
C LEU A 29 -1.30 5.13 14.12
N VAL A 30 -1.03 6.04 13.20
CA VAL A 30 -2.06 6.44 12.25
C VAL A 30 -2.13 5.37 11.16
N ILE A 31 -2.71 4.23 11.53
CA ILE A 31 -2.58 3.00 10.79
C ILE A 31 -3.96 2.32 10.74
N PRO A 32 -4.37 1.82 9.57
CA PRO A 32 -5.59 1.00 9.45
C PRO A 32 -5.62 -0.15 10.46
N ARG A 33 -6.78 -0.46 11.01
CA ARG A 33 -6.90 -1.54 11.99
C ARG A 33 -6.72 -2.95 11.37
N PHE A 34 -7.18 -3.13 10.13
CA PHE A 34 -7.11 -4.47 9.50
C PHE A 34 -5.75 -4.77 8.87
N HIS A 35 -5.53 -6.04 8.57
CA HIS A 35 -4.34 -6.47 7.83
C HIS A 35 -4.39 -5.97 6.39
N THR A 36 -3.28 -5.40 5.95
CA THR A 36 -3.13 -4.92 4.57
C THR A 36 -2.79 -6.09 3.64
N PRO A 37 -3.55 -6.27 2.56
CA PRO A 37 -3.39 -7.42 1.67
C PRO A 37 -2.51 -7.15 0.44
N SER A 38 -1.61 -8.09 0.12
CA SER A 38 -0.92 -8.09 -1.16
C SER A 38 -0.76 -9.52 -1.71
N VAL A 39 -0.66 -9.64 -3.03
CA VAL A 39 -0.61 -10.94 -3.69
C VAL A 39 0.47 -10.97 -4.76
N TYR A 40 1.19 -12.10 -4.83
CA TYR A 40 2.17 -12.42 -5.90
C TYR A 40 1.74 -13.65 -6.69
N PHE A 41 1.95 -13.67 -8.00
CA PHE A 41 1.61 -14.86 -8.78
C PHE A 41 2.86 -15.44 -9.47
N TYR A 42 3.02 -16.75 -9.44
CA TYR A 42 4.17 -17.41 -10.08
C TYR A 42 3.76 -18.51 -11.08
N ARG A 43 4.43 -18.53 -12.23
CA ARG A 43 4.28 -19.65 -13.15
C ARG A 43 5.08 -20.85 -12.66
N PRO A 44 4.60 -22.08 -12.97
CA PRO A 44 5.41 -23.25 -12.64
C PRO A 44 6.67 -23.26 -13.49
N THR A 45 7.76 -23.76 -12.95
CA THR A 45 8.95 -24.04 -13.75
C THR A 45 8.79 -25.40 -14.43
N GLY A 46 7.91 -26.24 -13.86
CA GLY A 46 7.81 -27.62 -14.27
C GLY A 46 8.48 -28.59 -13.31
N ALA A 47 9.25 -28.04 -12.36
CA ALA A 47 9.90 -28.86 -11.34
C ALA A 47 8.90 -29.33 -10.28
N SER A 48 9.16 -30.51 -9.73
CA SER A 48 8.31 -31.10 -8.71
C SER A 48 8.35 -30.33 -7.38
N ASN A 49 9.51 -29.78 -7.03
CA ASN A 49 9.61 -29.06 -5.74
C ASN A 49 9.21 -27.56 -5.78
N PHE A 50 8.50 -27.15 -6.83
CA PHE A 50 7.97 -25.78 -6.97
C PHE A 50 7.29 -25.33 -5.69
N PHE A 51 7.87 -24.31 -5.05
CA PHE A 51 7.34 -23.74 -3.81
C PHE A 51 7.15 -24.77 -2.70
N ASP A 52 8.11 -25.67 -2.59
CA ASP A 52 8.16 -26.66 -1.52
C ASP A 52 7.92 -26.00 -0.16
N PRO A 53 6.79 -26.33 0.49
CA PRO A 53 6.39 -25.70 1.75
C PRO A 53 7.48 -25.81 2.82
N GLN A 54 8.19 -26.93 2.85
CA GLN A 54 9.29 -27.12 3.79
C GLN A 54 10.38 -26.10 3.57
N VAL A 55 10.74 -25.88 2.31
CA VAL A 55 11.74 -24.85 2.01
C VAL A 55 11.19 -23.49 2.43
N LYS A 57 8.89 -22.74 4.79
CA LYS A 57 8.74 -22.57 6.23
C LYS A 57 10.10 -22.43 6.91
N GLU A 58 11.08 -23.23 6.47
CA GLU A 58 12.44 -23.13 6.98
C GLU A 58 13.05 -21.76 6.70
N ALA A 59 12.90 -21.25 5.49
CA ALA A 59 13.44 -19.92 5.21
C ALA A 59 12.65 -18.82 5.95
N LEU A 60 11.35 -19.03 6.15
CA LEU A 60 10.53 -18.06 6.87
C LEU A 60 11.00 -17.91 8.31
N SER A 61 11.27 -19.04 8.98
CA SER A 61 11.72 -19.02 10.36
C SER A 61 13.06 -18.30 10.47
N LYS A 62 13.93 -18.52 9.49
CA LYS A 62 15.22 -17.85 9.42
C LYS A 62 15.10 -16.34 9.27
N ALA A 63 14.19 -15.89 8.41
CA ALA A 63 14.02 -14.44 8.19
C ALA A 63 13.44 -13.76 9.42
N LEU A 64 12.69 -14.53 10.21
CA LEU A 64 12.09 -14.03 11.44
C LEU A 64 13.08 -13.89 12.61
N VAL A 65 14.35 -14.20 12.42
CA VAL A 65 15.33 -13.93 13.49
C VAL A 65 15.80 -12.46 13.44
N PRO A 66 16.21 -11.95 12.26
CA PRO A 66 16.51 -10.51 12.28
C PRO A 66 15.25 -9.63 12.20
N PHE A 67 14.17 -10.15 11.62
CA PHE A 67 12.90 -9.41 11.56
C PHE A 67 11.95 -9.89 12.67
N TYR A 68 12.49 -10.08 13.87
CA TYR A 68 11.72 -10.70 14.96
C TYR A 68 10.42 -9.97 15.38
N PRO A 69 10.36 -8.61 15.31
CA PRO A 69 9.08 -7.97 15.65
C PRO A 69 7.91 -8.46 14.78
N ALA A 71 7.20 -11.40 14.11
CA ALA A 71 6.65 -12.58 14.77
C ALA A 71 6.01 -12.24 16.11
N GLY A 72 5.88 -10.95 16.41
CA GLY A 72 5.32 -10.52 17.67
C GLY A 72 3.81 -10.34 17.64
N ARG A 73 3.29 -9.63 18.65
CA ARG A 73 1.87 -9.34 18.78
C ARG A 73 1.65 -7.89 19.23
N LEU A 74 0.40 -7.41 19.11
CA LEU A 74 0.07 -6.08 19.60
C LEU A 74 -0.27 -6.10 21.07
N LYS A 75 0.20 -5.09 21.80
CA LYS A 75 -0.28 -4.82 23.16
C LYS A 75 -0.31 -3.32 23.40
N ARG A 76 -0.97 -2.89 24.48
CA ARG A 76 -0.94 -1.50 24.89
C ARG A 76 -0.05 -1.34 26.13
N ASP A 77 0.64 -0.21 26.25
CA ASP A 77 1.44 0.06 27.43
C ASP A 77 0.53 0.64 28.51
N ASP A 78 1.12 1.10 29.60
CA ASP A 78 0.36 1.64 30.73
C ASP A 78 -0.50 2.86 30.37
N ASP A 79 -0.04 3.66 29.40
CA ASP A 79 -0.78 4.85 28.97
C ASP A 79 -1.83 4.50 27.92
N GLY A 80 -1.90 3.22 27.55
CA GLY A 80 -2.88 2.77 26.59
C GLY A 80 -2.42 2.90 25.15
N ARG A 81 -1.13 3.15 24.97
CA ARG A 81 -0.56 3.31 23.63
C ARG A 81 -0.13 1.97 23.05
N ILE A 82 -0.54 1.69 21.83
CA ILE A 82 -0.21 0.41 21.20
C ILE A 82 1.29 0.29 20.94
N GLU A 83 1.85 -0.87 21.27
CA GLU A 83 3.25 -1.16 21.05
C GLU A 83 3.34 -2.61 20.58
N ILE A 84 4.51 -3.01 20.08
CA ILE A 84 4.68 -4.38 19.62
C ILE A 84 5.24 -5.23 20.76
N ASP A 85 4.49 -6.26 21.13
CA ASP A 85 4.96 -7.23 22.10
C ASP A 85 5.81 -8.25 21.36
N CYS A 86 7.12 -8.08 21.41
CA CYS A 86 8.01 -8.99 20.69
C CYS A 86 8.19 -10.22 21.57
N ASN A 87 7.33 -11.20 21.35
CA ASN A 87 7.35 -12.46 22.10
C ASN A 87 7.62 -13.69 21.21
N GLY A 88 7.89 -13.44 19.93
CA GLY A 88 8.21 -14.52 19.01
C GLY A 88 7.12 -15.57 18.85
N ALA A 89 5.88 -15.18 19.14
CA ALA A 89 4.74 -16.09 19.01
C ALA A 89 4.62 -16.59 17.57
N GLY A 90 4.98 -15.75 16.62
CA GLY A 90 5.14 -16.24 15.27
C GLY A 90 4.14 -15.78 14.21
N VAL A 91 4.30 -16.39 13.04
CA VAL A 91 3.65 -15.97 11.82
C VAL A 91 2.81 -17.11 11.23
N LEU A 92 1.58 -16.83 10.83
CA LEU A 92 0.74 -17.86 10.22
C LEU A 92 1.17 -18.17 8.77
N PHE A 93 1.40 -19.45 8.49
CA PHE A 93 1.71 -19.90 7.13
C PHE A 93 0.73 -21.00 6.67
N VAL A 94 -0.13 -20.67 5.71
CA VAL A 94 -1.13 -21.62 5.19
C VAL A 94 -0.77 -22.14 3.78
N VAL A 95 -1.01 -23.44 3.54
CA VAL A 95 -0.88 -23.98 2.19
C VAL A 95 -2.27 -24.37 1.68
N ALA A 96 -2.59 -23.93 0.48
CA ALA A 96 -3.92 -24.18 -0.11
C ALA A 96 -3.83 -24.70 -1.55
N ASP A 97 -4.91 -25.34 -2.01
CA ASP A 97 -5.07 -25.78 -3.40
C ASP A 97 -6.36 -25.19 -3.95
N THR A 98 -6.42 -24.99 -5.26
CA THR A 98 -7.66 -24.56 -5.92
C THR A 98 -7.76 -25.13 -7.33
N PRO A 99 -8.99 -25.46 -7.78
CA PRO A 99 -9.18 -25.98 -9.13
C PRO A 99 -9.12 -24.87 -10.19
N SER A 100 -9.16 -23.63 -9.74
CA SER A 100 -9.03 -22.49 -10.65
C SER A 100 -7.61 -22.46 -11.19
N VAL A 101 -7.41 -21.72 -12.27
CA VAL A 101 -6.08 -21.55 -12.82
C VAL A 101 -5.75 -20.07 -12.75
N ILE A 102 -4.47 -19.75 -12.73
CA ILE A 102 -4.03 -18.37 -12.62
C ILE A 102 -4.63 -17.54 -13.74
N ASP A 103 -4.72 -18.12 -14.93
CA ASP A 103 -5.18 -17.37 -16.09
C ASP A 103 -6.62 -16.85 -15.94
N ASP A 104 -7.36 -17.37 -14.94
CA ASP A 104 -8.73 -16.92 -14.68
C ASP A 104 -8.78 -15.46 -14.21
N PHE A 105 -7.68 -14.99 -13.67
CA PHE A 105 -7.61 -13.61 -13.18
C PHE A 105 -7.35 -12.64 -14.32
N GLY A 106 -7.25 -13.18 -15.54
CA GLY A 106 -7.14 -12.37 -16.74
C GLY A 106 -6.07 -11.30 -16.68
N ASP A 107 -6.48 -10.04 -16.54
CA ASP A 107 -5.54 -8.93 -16.52
C ASP A 107 -4.92 -8.67 -15.14
N PHE A 108 -5.35 -9.45 -14.15
CA PHE A 108 -4.93 -9.33 -12.73
C PHE A 108 -5.46 -8.05 -12.08
N ALA A 109 -6.60 -7.57 -12.57
CA ALA A 109 -7.37 -6.54 -11.87
C ALA A 109 -7.54 -7.00 -10.45
N PRO A 110 -7.13 -6.16 -9.49
CA PRO A 110 -7.15 -6.65 -8.10
C PRO A 110 -8.55 -6.72 -7.49
N THR A 111 -9.43 -7.55 -8.05
CA THR A 111 -10.77 -7.76 -7.52
C THR A 111 -10.72 -8.35 -6.12
N LEU A 112 -11.87 -8.33 -5.44
CA LEU A 112 -11.91 -8.62 -4.01
C LEU A 112 -11.81 -10.13 -3.71
N ASN A 113 -12.08 -10.98 -4.69
CA ASN A 113 -11.89 -12.41 -4.49
C ASN A 113 -10.39 -12.77 -4.31
N LEU A 114 -9.51 -11.82 -4.58
CA LEU A 114 -8.08 -11.98 -4.30
C LEU A 114 -7.86 -12.22 -2.81
N ARG A 115 -8.81 -11.78 -1.98
CA ARG A 115 -8.67 -11.94 -0.54
CA ARG A 115 -8.73 -11.92 -0.53
C ARG A 115 -8.79 -13.37 -0.09
N GLN A 116 -9.30 -14.23 -0.97
CA GLN A 116 -9.36 -15.66 -0.67
C GLN A 116 -7.96 -16.28 -0.74
N LEU A 117 -7.01 -15.54 -1.30
CA LEU A 117 -5.63 -16.01 -1.49
C LEU A 117 -4.74 -15.57 -0.33
N ILE A 118 -5.36 -14.89 0.62
CA ILE A 118 -4.72 -14.37 1.83
C ILE A 118 -5.51 -14.89 3.02
N PRO A 119 -4.83 -15.33 4.07
CA PRO A 119 -5.58 -15.85 5.22
C PRO A 119 -6.51 -14.79 5.85
N GLU A 120 -7.60 -15.25 6.46
CA GLU A 120 -8.55 -14.39 7.18
C GLU A 120 -8.11 -14.20 8.63
N VAL A 121 -8.27 -12.97 9.14
CA VAL A 121 -7.94 -12.71 10.54
C VAL A 121 -9.15 -12.21 11.31
N ASP A 122 -9.41 -12.82 12.44
CA ASP A 122 -10.51 -12.39 13.32
C ASP A 122 -10.03 -11.30 14.27
N HIS A 123 -10.46 -10.07 13.99
CA HIS A 123 -10.13 -8.92 14.83
C HIS A 123 -11.12 -8.73 15.96
N SER A 124 -12.14 -9.60 16.04
CA SER A 124 -13.22 -9.45 17.02
C SER A 124 -12.72 -9.65 18.44
N THR A 125 -11.94 -10.71 18.66
CA THR A 125 -11.21 -10.87 19.92
C THR A 125 -10.08 -9.85 19.99
N GLY A 126 -9.32 -9.86 21.09
CA GLY A 126 -8.36 -8.80 21.38
C GLY A 126 -7.35 -8.41 20.29
N ILE A 127 -6.68 -7.28 20.47
CA ILE A 127 -5.62 -6.89 19.55
C ILE A 127 -4.40 -7.81 19.67
N HIS A 128 -4.31 -8.53 20.80
CA HIS A 128 -3.15 -9.37 21.07
C HIS A 128 -3.34 -10.80 20.57
N SER A 129 -4.48 -11.07 19.95
CA SER A 129 -4.87 -12.45 19.64
C SER A 129 -4.54 -12.90 18.21
N PHE A 130 -4.00 -12.02 17.38
CA PHE A 130 -3.69 -12.41 16.02
C PHE A 130 -2.25 -12.08 15.65
N PRO A 131 -1.63 -12.91 14.83
CA PRO A 131 -0.27 -12.61 14.36
C PRO A 131 -0.27 -11.35 13.51
N LEU A 132 0.85 -10.62 13.51
CA LEU A 132 0.95 -9.40 12.72
C LEU A 132 1.06 -9.73 11.25
N LEU A 133 1.41 -10.98 10.96
CA LEU A 133 1.66 -11.39 9.57
C LEU A 133 1.05 -12.75 9.26
N VAL A 134 0.22 -12.79 8.22
CA VAL A 134 -0.36 -14.04 7.79
C VAL A 134 0.03 -14.26 6.34
N LEU A 135 0.29 -15.51 5.99
CA LEU A 135 0.82 -15.87 4.68
C LEU A 135 0.15 -17.10 4.12
N GLN A 136 -0.05 -17.11 2.80
CA GLN A 136 -0.68 -18.25 2.18
C GLN A 136 -0.09 -18.51 0.79
N VAL A 137 0.36 -19.75 0.59
CA VAL A 137 0.74 -20.24 -0.72
C VAL A 137 -0.40 -21.11 -1.24
N THR A 138 -0.98 -20.73 -2.38
CA THR A 138 -2.04 -21.52 -2.97
C THR A 138 -1.58 -22.08 -4.30
N PHE A 139 -1.73 -23.39 -4.47
CA PHE A 139 -1.37 -24.06 -5.71
C PHE A 139 -2.58 -24.17 -6.62
N PHE A 140 -2.41 -23.67 -7.85
CA PHE A 140 -3.49 -23.65 -8.82
C PHE A 140 -3.42 -24.90 -9.68
N LYS A 141 -4.51 -25.22 -10.35
CA LYS A 141 -4.62 -26.40 -11.19
C LYS A 141 -3.58 -26.40 -12.30
N CYS A 142 -3.26 -25.21 -12.78
CA CYS A 142 -2.33 -25.04 -13.88
C CYS A 142 -0.87 -25.30 -13.51
N GLY A 143 -0.60 -25.70 -12.27
CA GLY A 143 0.77 -25.83 -11.79
C GLY A 143 1.37 -24.55 -11.20
N GLY A 144 0.75 -23.40 -11.46
CA GLY A 144 1.21 -22.13 -10.90
C GLY A 144 0.90 -21.93 -9.42
N ALA A 145 1.38 -20.85 -8.81
CA ALA A 145 1.14 -20.56 -7.38
C ALA A 145 1.00 -19.08 -7.09
N SER A 146 0.20 -18.75 -6.09
CA SER A 146 0.19 -17.41 -5.53
C SER A 146 0.72 -17.37 -4.10
N LEU A 147 1.41 -16.28 -3.76
CA LEU A 147 1.76 -16.00 -2.37
C LEU A 147 0.88 -14.85 -1.90
N GLY A 148 0.06 -15.14 -0.89
CA GLY A 148 -0.83 -14.14 -0.32
C GLY A 148 -0.25 -13.59 0.96
N VAL A 149 -0.25 -12.26 1.09
CA VAL A 149 0.33 -11.60 2.25
C VAL A 149 -0.69 -10.69 2.97
N GLY A 150 -0.86 -10.90 4.26
CA GLY A 150 -1.64 -10.00 5.08
C GLY A 150 -0.81 -9.49 6.24
N GLN A 152 -0.28 -6.56 9.35
CA GLN A 152 -0.85 -5.49 10.17
C GLN A 152 0.18 -4.37 10.26
N HIS A 153 -0.16 -3.19 9.75
CA HIS A 153 0.84 -2.14 9.52
C HIS A 153 1.33 -1.42 10.78
N HIS A 154 0.73 -1.71 11.93
CA HIS A 154 1.39 -1.33 13.17
C HIS A 154 2.80 -1.93 13.25
N ALA A 155 3.05 -3.02 12.52
CA ALA A 155 4.40 -3.61 12.51
C ALA A 155 5.32 -2.72 11.70
N ALA A 156 4.91 -2.40 10.47
CA ALA A 156 5.75 -1.60 9.60
C ALA A 156 4.96 -1.23 8.35
N ASP A 157 5.48 -0.32 7.53
CA ASP A 157 4.78 0.02 6.29
C ASP A 157 5.13 -0.97 5.18
N GLY A 158 4.60 -0.70 4.00
CA GLY A 158 4.73 -1.60 2.88
C GLY A 158 6.15 -1.69 2.39
N PHE A 159 6.93 -0.64 2.63
CA PHE A 159 8.33 -0.62 2.22
C PHE A 159 9.16 -1.57 3.09
N SER A 160 8.98 -1.49 4.41
CA SER A 160 9.66 -2.45 5.26
C SER A 160 9.09 -3.87 5.06
N GLY A 161 7.83 -3.96 4.69
CA GLY A 161 7.21 -5.26 4.47
C GLY A 161 7.88 -5.94 3.28
N LEU A 162 8.09 -5.18 2.21
CA LEU A 162 8.86 -5.66 1.05
C LEU A 162 10.26 -6.12 1.42
N HIS A 163 10.96 -5.31 2.22
CA HIS A 163 12.27 -5.67 2.71
C HIS A 163 12.21 -7.08 3.34
N PHE A 164 11.19 -7.33 4.15
CA PHE A 164 11.07 -8.63 4.79
C PHE A 164 10.78 -9.79 3.80
N ILE A 165 9.85 -9.56 2.87
CA ILE A 165 9.45 -10.60 1.92
C ILE A 165 10.61 -10.97 1.02
N ASN A 166 11.38 -9.97 0.62
CA ASN A 166 12.51 -10.19 -0.27
C ASN A 166 13.64 -10.92 0.43
N THR A 167 13.88 -10.55 1.68
CA THR A 167 14.84 -11.23 2.55
C THR A 167 14.47 -12.70 2.73
N TRP A 168 13.19 -12.93 3.02
CA TRP A 168 12.65 -14.29 3.12
C TRP A 168 13.00 -15.09 1.84
N SER A 169 12.76 -14.50 0.68
CA SER A 169 13.02 -15.20 -0.59
C SER A 169 14.53 -15.42 -0.82
N ASP A 170 15.36 -14.44 -0.51
CA ASP A 170 16.79 -14.60 -0.57
C ASP A 170 17.24 -15.82 0.22
N ALA A 172 15.39 -18.44 1.13
CA ALA A 172 14.89 -19.65 0.47
C ALA A 172 15.87 -20.08 -0.64
N ARG A 173 16.61 -19.12 -1.18
CA ARG A 173 17.61 -19.39 -2.19
C ARG A 173 19.00 -19.65 -1.59
N GLY A 174 19.04 -19.76 -0.26
CA GLY A 174 20.27 -20.05 0.44
C GLY A 174 21.20 -18.86 0.59
N LEU A 175 20.69 -17.66 0.31
CA LEU A 175 21.53 -16.47 0.38
C LEU A 175 21.51 -15.85 1.77
N ASP A 176 22.37 -14.86 1.95
CA ASP A 176 22.55 -14.17 3.21
C ASP A 176 21.64 -12.96 3.37
N LEU A 177 21.47 -12.50 4.61
CA LEU A 177 20.86 -11.22 4.88
C LEU A 177 21.73 -10.15 4.24
N THR A 178 21.15 -9.28 3.42
CA THR A 178 21.93 -8.21 2.83
C THR A 178 21.84 -6.92 3.66
N ILE A 179 20.66 -6.31 3.73
CA ILE A 179 20.50 -5.13 4.57
C ILE A 179 19.80 -5.49 5.88
N PRO A 180 20.55 -5.54 6.99
CA PRO A 180 19.95 -5.88 8.29
C PRO A 180 18.91 -4.85 8.70
N PRO A 181 17.76 -5.31 9.21
CA PRO A 181 16.77 -4.34 9.65
C PRO A 181 17.28 -3.50 10.81
N PHE A 182 16.93 -2.22 10.79
CA PHE A 182 17.21 -1.31 11.88
C PHE A 182 15.93 -1.11 12.67
N ILE A 183 15.94 -1.54 13.92
CA ILE A 183 14.72 -1.62 14.72
C ILE A 183 14.75 -0.65 15.89
N ASP A 184 14.23 0.56 15.66
CA ASP A 184 14.12 1.62 16.66
C ASP A 184 13.36 2.81 16.08
N ARG A 185 12.07 2.94 16.41
CA ARG A 185 11.28 4.02 15.84
C ARG A 185 11.34 5.33 16.62
N THR A 186 12.18 5.41 17.65
CA THR A 186 12.31 6.67 18.43
C THR A 186 12.95 7.75 17.58
N LEU A 187 13.48 7.36 16.43
CA LEU A 187 13.98 8.32 15.46
C LEU A 187 12.88 9.26 15.00
N LEU A 188 11.63 8.81 15.09
CA LEU A 188 10.49 9.64 14.68
C LEU A 188 9.72 10.18 15.89
N ARG A 189 10.36 10.16 17.05
CA ARG A 189 9.81 10.77 18.25
C ARG A 189 9.50 12.23 17.96
N ALA A 190 8.38 12.71 18.49
CA ALA A 190 8.05 14.12 18.33
C ALA A 190 8.91 14.96 19.28
N ARG A 191 9.09 16.24 18.95
CA ARG A 191 9.89 17.13 19.76
C ARG A 191 9.19 17.43 21.09
N ASP A 192 9.96 17.81 22.10
CA ASP A 192 9.39 18.12 23.41
C ASP A 192 9.90 19.47 23.89
N PRO A 193 9.02 20.48 23.92
CA PRO A 193 7.59 20.39 23.64
C PRO A 193 7.28 20.35 22.15
N PRO A 194 6.13 19.78 21.78
CA PRO A 194 5.73 19.68 20.38
C PRO A 194 5.53 21.08 19.83
N GLN A 195 6.08 21.42 18.67
CA GLN A 195 5.93 22.77 18.15
C GLN A 195 5.64 22.75 16.64
N PRO A 196 4.37 22.54 16.26
CA PRO A 196 4.01 22.53 14.84
C PRO A 196 4.28 23.90 14.22
N ALA A 197 4.76 23.95 12.98
CA ALA A 197 5.08 25.22 12.32
C ALA A 197 4.13 25.48 11.16
N PHE A 198 3.26 24.51 10.88
CA PHE A 198 2.37 24.60 9.75
C PHE A 198 0.95 24.26 10.14
N HIS A 199 0.00 24.76 9.36
CA HIS A 199 -1.33 24.21 9.32
C HIS A 199 -1.29 23.04 8.36
N HIS A 200 -1.48 21.82 8.87
CA HIS A 200 -1.35 20.62 8.05
C HIS A 200 -2.65 20.19 7.41
N VAL A 201 -2.84 20.64 6.18
CA VAL A 201 -3.99 20.29 5.37
C VAL A 201 -4.20 18.79 5.27
N GLU A 202 -3.12 18.03 5.28
CA GLU A 202 -3.25 16.59 5.06
C GLU A 202 -3.93 15.85 6.23
N TYR A 203 -4.18 16.54 7.34
CA TYR A 203 -4.95 15.94 8.44
C TYR A 203 -6.35 16.55 8.61
N GLN A 204 -6.74 17.42 7.69
CA GLN A 204 -8.09 18.01 7.74
C GLN A 204 -9.07 17.07 7.05
N PRO A 205 -10.36 17.22 7.37
CA PRO A 205 -11.38 16.34 6.76
C PRO A 205 -11.49 16.55 5.25
N ALA A 206 -11.79 15.47 4.53
CA ALA A 206 -11.97 15.51 3.08
C ALA A 206 -13.20 16.32 2.69
N PRO A 207 -13.17 16.95 1.51
CA PRO A 207 -14.40 17.61 1.06
C PRO A 207 -15.54 16.61 0.88
N SER A 208 -16.74 17.02 1.28
CA SER A 208 -17.99 16.31 0.98
C SER A 208 -18.53 16.77 -0.36
N LYS A 210 -21.13 18.68 -2.37
CA LYS A 210 -22.03 19.80 -2.08
C LYS A 210 -23.47 19.33 -2.20
N ILE A 211 -23.72 18.46 -3.16
CA ILE A 211 -25.03 17.84 -3.34
C ILE A 211 -24.88 16.34 -3.15
N PRO A 212 -25.47 15.79 -2.08
CA PRO A 212 -25.24 14.40 -1.67
C PRO A 212 -25.60 13.40 -2.78
N LEU A 213 -24.93 12.25 -2.78
CA LEU A 213 -25.10 11.29 -3.85
C LEU A 213 -26.04 10.17 -3.44
N ASP A 214 -26.61 9.51 -4.44
CA ASP A 214 -27.49 8.38 -4.23
C ASP A 214 -26.71 7.23 -3.64
N PRO A 215 -26.98 6.89 -2.37
CA PRO A 215 -26.19 5.87 -1.66
C PRO A 215 -26.10 4.54 -2.42
N SER A 216 -27.21 4.05 -2.96
CA SER A 216 -27.14 3.00 -3.94
C SER A 216 -28.35 2.98 -4.88
N LYS A 217 -28.07 2.81 -6.17
CA LYS A 217 -26.76 2.27 -6.52
C LYS A 217 -25.67 3.34 -6.71
N SER A 218 -24.58 3.07 -5.97
CA SER A 218 -23.33 3.82 -5.91
C SER A 218 -22.66 3.58 -4.54
N GLY A 219 -22.75 2.35 -4.04
CA GLY A 219 -22.11 2.01 -2.77
C GLY A 219 -21.09 0.90 -2.92
N PRO A 220 -20.73 0.25 -1.80
CA PRO A 220 -19.97 -1.01 -1.82
C PRO A 220 -20.30 -1.99 -2.94
N GLU A 221 -21.56 -2.11 -3.34
CA GLU A 221 -21.94 -3.19 -4.26
C GLU A 221 -22.10 -2.64 -5.67
N ASN A 222 -21.86 -1.35 -5.86
CA ASN A 222 -21.78 -0.78 -7.21
C ASN A 222 -20.34 -0.47 -7.61
N THR A 223 -19.39 -1.00 -6.85
CA THR A 223 -17.98 -0.68 -7.03
C THR A 223 -17.26 -1.72 -7.88
N THR A 224 -16.71 -1.29 -9.00
CA THR A 224 -15.90 -2.15 -9.86
C THR A 224 -14.43 -1.90 -9.59
N VAL A 225 -13.60 -2.92 -9.81
CA VAL A 225 -12.15 -2.80 -9.76
C VAL A 225 -11.55 -3.20 -11.09
N SER A 226 -10.72 -2.34 -11.68
CA SER A 226 -10.17 -2.64 -13.00
C SER A 226 -8.69 -2.34 -12.99
N ILE A 227 -7.98 -2.75 -14.02
CA ILE A 227 -6.58 -2.37 -14.17
C ILE A 227 -6.34 -1.95 -15.62
N PHE A 228 -5.49 -0.94 -15.81
CA PHE A 228 -5.28 -0.41 -17.15
C PHE A 228 -3.79 -0.27 -17.45
N LYS A 229 -3.40 -0.71 -18.64
CA LYS A 229 -2.00 -0.64 -19.00
C LYS A 229 -1.72 0.67 -19.73
N LEU A 230 -0.66 1.35 -19.33
CA LEU A 230 -0.15 2.49 -20.10
C LEU A 230 1.21 2.14 -20.67
N THR A 231 1.34 2.18 -22.01
CA THR A 231 2.42 1.48 -22.71
C THR A 231 3.55 2.40 -23.21
N ARG A 232 3.71 3.56 -22.58
CA ARG A 232 4.86 4.48 -22.76
C ARG A 232 5.00 5.25 -24.09
N ASP A 233 4.40 6.44 -24.27
CA ASP A 233 3.30 7.04 -23.52
C ASP A 233 2.31 7.70 -24.51
N GLN A 234 1.26 7.04 -25.06
CA GLN A 234 0.85 5.59 -25.08
C GLN A 234 -0.13 5.38 -23.94
N LYS A 239 4.88 12.69 -19.38
CA LYS A 239 5.60 13.89 -18.96
C LYS A 239 5.41 14.91 -20.07
N ALA A 240 5.34 14.36 -21.26
CA ALA A 240 4.93 15.10 -22.44
C ALA A 240 3.52 14.65 -22.77
N LYS A 241 2.67 15.60 -23.18
CA LYS A 241 3.10 16.99 -23.30
C LYS A 241 2.60 17.81 -22.12
N SER A 242 3.55 18.25 -21.30
CA SER A 242 3.31 19.28 -20.31
C SER A 242 3.52 20.65 -20.94
N LYS A 243 3.87 20.66 -22.23
CA LYS A 243 4.12 21.90 -22.96
C LYS A 243 2.84 22.51 -23.52
N GLU A 244 1.72 21.85 -23.21
CA GLU A 244 0.41 22.25 -23.70
C GLU A 244 0.10 23.70 -23.33
N ASP A 245 -0.47 24.45 -24.27
CA ASP A 245 -0.81 25.86 -24.05
C ASP A 245 0.39 26.72 -23.65
N GLY A 246 1.58 26.34 -24.10
CA GLY A 246 2.77 27.15 -23.90
C GLY A 246 3.37 27.11 -22.51
N ASN A 247 2.85 26.22 -21.66
CA ASN A 247 3.39 26.06 -20.33
C ASN A 247 4.86 25.65 -20.40
N THR A 248 5.69 26.33 -19.62
CA THR A 248 7.13 26.09 -19.68
C THR A 248 7.58 25.19 -18.55
N VAL A 249 6.86 25.29 -17.42
CA VAL A 249 7.17 24.51 -16.23
C VAL A 249 7.34 23.02 -16.53
N SER A 250 8.43 22.46 -16.06
CA SER A 250 8.69 21.04 -16.23
C SER A 250 8.18 20.29 -15.01
N TYR A 251 7.42 19.22 -15.24
CA TYR A 251 6.92 18.39 -14.15
C TYR A 251 7.44 16.99 -14.33
N SER A 252 7.52 16.24 -13.24
CA SER A 252 8.05 14.90 -13.33
C SER A 252 7.02 13.99 -13.96
N SER A 253 7.47 12.81 -14.34
CA SER A 253 6.61 11.79 -14.87
C SER A 253 5.52 11.39 -13.87
N TYR A 254 5.90 11.28 -12.59
CA TYR A 254 4.95 10.91 -11.55
C TYR A 254 3.88 12.00 -11.39
N GLU A 255 4.32 13.27 -11.41
CA GLU A 255 3.42 14.40 -11.26
C GLU A 255 2.41 14.47 -12.40
N LEU A 257 1.51 11.92 -14.40
CA LEU A 257 0.64 10.73 -14.33
C LEU A 257 -0.43 10.85 -13.25
N ALA A 258 0.00 11.25 -12.05
CA ALA A 258 -0.94 11.37 -10.93
C ALA A 258 -1.97 12.44 -11.24
N GLY A 259 -1.53 13.57 -11.80
CA GLY A 259 -2.46 14.60 -12.25
C GLY A 259 -3.45 14.09 -13.29
N HIS A 260 -2.96 13.29 -14.21
CA HIS A 260 -3.82 12.72 -15.24
C HIS A 260 -4.87 11.79 -14.64
N VAL A 261 -4.46 10.93 -13.71
CA VAL A 261 -5.41 10.03 -13.08
C VAL A 261 -6.47 10.80 -12.28
N TRP A 262 -6.01 11.73 -11.47
CA TRP A 262 -6.87 12.61 -10.67
C TRP A 262 -7.92 13.28 -11.55
N ARG A 263 -7.44 13.85 -12.66
CA ARG A 263 -8.26 14.59 -13.60
C ARG A 263 -9.25 13.66 -14.30
N SER A 264 -8.75 12.52 -14.79
CA SER A 264 -9.61 11.54 -15.45
C SER A 264 -10.69 10.99 -14.51
N VAL A 265 -10.35 10.81 -13.24
CA VAL A 265 -11.35 10.34 -12.29
C VAL A 265 -12.42 11.41 -12.07
N GLY A 266 -11.98 12.67 -11.95
CA GLY A 266 -12.89 13.80 -11.84
C GLY A 266 -13.84 13.86 -13.03
N LYS A 267 -13.30 13.72 -14.24
CA LYS A 267 -14.12 13.72 -15.45
C LYS A 267 -15.12 12.54 -15.44
N ALA A 268 -14.63 11.35 -15.14
CA ALA A 268 -15.46 10.14 -15.16
C ALA A 268 -16.59 10.20 -14.16
N ARG A 269 -16.39 10.95 -13.07
CA ARG A 269 -17.40 11.09 -12.01
C ARG A 269 -18.40 12.22 -12.26
N GLY A 270 -18.22 12.96 -13.36
CA GLY A 270 -19.06 14.10 -13.66
C GLY A 270 -19.11 15.19 -12.59
N LEU A 271 -17.99 15.49 -11.94
CA LEU A 271 -18.00 16.49 -10.84
C LEU A 271 -18.43 17.88 -11.30
N PRO A 272 -19.37 18.51 -10.57
CA PRO A 272 -19.82 19.87 -10.93
C PRO A 272 -18.66 20.85 -10.85
N ASN A 273 -18.75 21.96 -11.58
CA ASN A 273 -17.68 22.94 -11.62
C ASN A 273 -17.32 23.46 -10.24
N ASP A 274 -18.30 23.63 -9.35
CA ASP A 274 -18.07 24.18 -8.01
C ASP A 274 -17.67 23.14 -6.95
N GLN A 275 -17.46 21.88 -7.36
CA GLN A 275 -17.14 20.81 -6.41
C GLN A 275 -15.64 20.68 -6.14
N GLU A 276 -15.26 20.81 -4.87
CA GLU A 276 -13.86 20.56 -4.45
C GLU A 276 -13.56 19.08 -4.52
N THR A 277 -12.32 18.77 -4.86
CA THR A 277 -11.86 17.39 -4.94
C THR A 277 -10.43 17.33 -4.38
N LYS A 278 -10.20 16.40 -3.45
CA LYS A 278 -8.91 16.26 -2.79
C LYS A 278 -8.18 14.99 -3.26
N LEU A 279 -6.90 15.09 -3.53
CA LEU A 279 -6.13 13.91 -3.89
C LEU A 279 -5.20 13.55 -2.76
N TYR A 280 -5.19 12.28 -2.36
CA TYR A 280 -4.32 11.83 -1.27
C TYR A 280 -3.18 11.00 -1.85
N ILE A 281 -1.94 11.49 -1.75
CA ILE A 281 -0.80 10.81 -2.33
C ILE A 281 0.10 10.24 -1.24
N ALA A 282 0.24 8.92 -1.23
CA ALA A 282 1.24 8.29 -0.36
C ALA A 282 2.63 8.81 -0.74
N THR A 283 3.33 9.31 0.25
CA THR A 283 4.63 9.93 0.05
C THR A 283 5.60 9.34 1.06
N ASP A 284 6.65 8.70 0.59
CA ASP A 284 7.63 8.07 1.48
C ASP A 284 8.51 9.12 2.12
N GLY A 285 8.62 9.09 3.44
CA GLY A 285 9.45 10.06 4.12
C GLY A 285 10.91 9.67 4.28
N ARG A 286 11.26 8.45 3.92
CA ARG A 286 12.65 8.00 4.09
C ARG A 286 13.64 8.94 3.39
N SER A 287 13.24 9.53 2.27
CA SER A 287 14.21 10.35 1.51
C SER A 287 14.07 11.81 1.86
N ARG A 288 13.16 12.13 2.78
CA ARG A 288 12.91 13.54 3.09
C ARG A 288 13.34 13.92 4.51
N LEU A 289 13.12 13.04 5.49
CA LEU A 289 13.61 13.30 6.85
C LEU A 289 15.13 13.49 6.80
N ARG A 290 15.65 14.55 7.43
CA ARG A 290 17.03 14.95 7.10
C ARG A 290 18.13 14.44 8.01
N PRO A 291 17.81 14.06 9.24
CA PRO A 291 18.91 13.29 9.84
C PRO A 291 19.13 11.97 9.08
N GLN A 292 18.23 11.64 8.15
CA GLN A 292 18.38 10.57 7.14
C GLN A 292 18.32 9.17 7.75
N LEU A 293 17.22 8.46 7.49
CA LEU A 293 16.93 7.24 8.24
C LEU A 293 17.86 6.12 7.81
N PRO A 294 18.28 5.30 8.77
CA PRO A 294 19.12 4.15 8.42
C PRO A 294 18.49 3.30 7.31
N PRO A 295 19.34 2.71 6.45
CA PRO A 295 18.80 1.75 5.50
C PRO A 295 18.27 0.57 6.29
N GLY A 296 17.18 -0.03 5.83
CA GLY A 296 16.58 -1.10 6.59
C GLY A 296 15.75 -0.63 7.78
N TYR A 297 15.61 0.68 8.01
CA TYR A 297 14.70 1.19 9.06
C TYR A 297 13.40 0.40 9.02
N PHE A 298 13.03 -0.17 10.16
CA PHE A 298 11.85 -1.03 10.23
C PHE A 298 10.70 -0.31 10.95
N GLY A 299 9.71 0.13 10.19
CA GLY A 299 8.62 0.90 10.74
C GLY A 299 7.83 1.58 9.63
N ASN A 300 6.90 2.45 10.02
CA ASN A 300 6.15 3.26 9.06
C ASN A 300 6.78 4.62 8.84
N VAL A 301 6.95 5.00 7.58
CA VAL A 301 7.46 6.32 7.24
C VAL A 301 6.64 6.94 6.09
N ILE A 302 5.41 6.46 5.91
CA ILE A 302 4.59 6.95 4.81
C ILE A 302 3.74 8.14 5.21
N PHE A 303 4.04 9.31 4.66
CA PHE A 303 3.23 10.51 4.91
C PHE A 303 2.27 10.69 3.75
N THR A 304 1.40 11.70 3.81
CA THR A 304 0.44 11.91 2.73
C THR A 304 0.38 13.36 2.28
N ALA A 305 0.57 13.57 0.98
CA ALA A 305 0.40 14.89 0.35
C ALA A 305 -1.04 15.04 -0.10
N THR A 306 -1.68 16.17 0.21
CA THR A 306 -3.08 16.31 -0.16
C THR A 306 -3.39 17.61 -0.90
N PRO A 307 -3.04 17.67 -2.18
CA PRO A 307 -3.44 18.83 -2.98
C PRO A 307 -4.94 18.81 -3.22
N LEU A 308 -5.52 20.00 -3.35
CA LEU A 308 -6.94 20.15 -3.53
C LEU A 308 -7.21 21.04 -4.73
N ALA A 309 -8.27 20.78 -5.46
CA ALA A 309 -8.74 21.73 -6.46
C ALA A 309 -10.27 21.79 -6.54
N VAL A 310 -10.79 22.88 -7.09
CA VAL A 310 -12.19 22.93 -7.51
C VAL A 310 -12.28 22.29 -8.90
N ALA A 311 -13.26 21.40 -9.09
CA ALA A 311 -13.37 20.60 -10.32
C ALA A 311 -13.46 21.45 -11.58
N GLY A 312 -14.11 22.61 -11.48
CA GLY A 312 -14.14 23.56 -12.57
C GLY A 312 -12.75 23.84 -13.12
N ASP A 313 -11.79 24.03 -12.23
CA ASP A 313 -10.42 24.31 -12.65
C ASP A 313 -9.67 23.04 -13.06
N LEU A 314 -9.83 21.98 -12.27
CA LEU A 314 -9.07 20.75 -12.50
C LEU A 314 -9.35 20.19 -13.88
N LEU A 315 -10.61 20.28 -14.30
CA LEU A 315 -11.10 19.54 -15.45
C LEU A 315 -11.11 20.35 -16.75
N SER A 316 -11.12 21.67 -16.65
CA SER A 316 -11.08 22.54 -17.83
C SER A 316 -9.66 23.01 -18.17
N LYS A 317 -8.80 23.13 -17.16
CA LYS A 317 -7.41 23.50 -17.39
C LYS A 317 -6.60 22.27 -17.82
N PRO A 318 -5.47 22.49 -18.52
CA PRO A 318 -4.64 21.35 -18.95
C PRO A 318 -4.14 20.51 -17.79
N THR A 319 -3.68 19.30 -18.11
CA THR A 319 -3.22 18.33 -17.13
C THR A 319 -2.07 18.89 -16.30
N TRP A 320 -1.30 19.83 -16.86
CA TRP A 320 -0.16 20.37 -16.09
C TRP A 320 -0.63 21.23 -14.93
N TYR A 321 -1.86 21.73 -15.00
CA TYR A 321 -2.39 22.47 -13.88
C TYR A 321 -2.54 21.52 -12.68
N ALA A 322 -3.09 20.34 -12.94
CA ALA A 322 -3.21 19.29 -11.93
C ALA A 322 -1.83 18.88 -11.40
N ALA A 323 -0.87 18.71 -12.31
CA ALA A 323 0.49 18.35 -11.95
C ALA A 323 1.11 19.43 -11.08
N GLY A 324 0.69 20.68 -11.32
CA GLY A 324 1.22 21.81 -10.60
C GLY A 324 0.76 21.85 -9.15
N GLN A 325 -0.51 21.53 -8.95
CA GLN A 325 -1.08 21.47 -7.61
C GLN A 325 -0.35 20.38 -6.81
N ILE A 326 -0.17 19.25 -7.45
CA ILE A 326 0.55 18.12 -6.88
C ILE A 326 1.99 18.48 -6.50
N HIS A 327 2.69 19.07 -7.45
CA HIS A 327 4.06 19.48 -7.26
C HIS A 327 4.23 20.45 -6.11
N ASP A 328 3.33 21.45 -6.03
CA ASP A 328 3.31 22.41 -4.93
C ASP A 328 3.21 21.72 -3.56
N PHE A 329 2.48 20.61 -3.46
CA PHE A 329 2.33 19.97 -2.16
C PHE A 329 3.53 19.04 -1.91
N LEU A 330 3.97 18.34 -2.95
CA LEU A 330 5.14 17.47 -2.84
C LEU A 330 6.41 18.24 -2.46
N VAL A 331 6.56 19.44 -2.99
CA VAL A 331 7.76 20.24 -2.72
C VAL A 331 7.80 20.78 -1.27
N ARG A 332 6.65 21.03 -0.67
CA ARG A 332 6.68 21.60 0.67
C ARG A 332 7.07 20.54 1.71
N ASP A 334 9.54 18.73 3.09
CA ASP A 334 10.91 18.52 3.50
C ASP A 334 10.94 18.14 4.97
N ASP A 335 12.13 18.02 5.55
CA ASP A 335 12.24 17.58 6.94
C ASP A 335 11.48 18.51 7.90
N ASN A 336 11.58 19.80 7.66
CA ASN A 336 10.97 20.78 8.56
C ASN A 336 9.45 20.63 8.64
N TYR A 337 8.82 20.40 7.49
CA TYR A 337 7.38 20.15 7.41
C TYR A 337 7.00 18.81 8.03
N LEU A 338 7.80 17.78 7.76
CA LEU A 338 7.49 16.47 8.32
C LEU A 338 7.68 16.44 9.83
N ARG A 339 8.73 17.11 10.33
CA ARG A 339 8.93 17.30 11.78
C ARG A 339 7.75 18.06 12.39
N SER A 340 7.30 19.09 11.68
CA SER A 340 6.12 19.83 12.11
C SER A 340 4.94 18.86 12.19
N ALA A 341 4.81 17.99 11.20
CA ALA A 341 3.68 17.06 11.14
C ALA A 341 3.69 16.12 12.33
N LEU A 342 4.88 15.63 12.69
CA LEU A 342 4.98 14.70 13.82
C LEU A 342 4.55 15.39 15.12
N ASP A 343 4.94 16.66 15.28
CA ASP A 343 4.52 17.48 16.44
C ASP A 343 3.00 17.70 16.44
N TYR A 344 2.42 17.96 15.27
CA TYR A 344 0.97 18.13 15.18
C TYR A 344 0.28 16.88 15.68
N LEU A 345 0.72 15.73 15.18
CA LEU A 345 0.17 14.44 15.60
C LEU A 345 0.30 14.24 17.11
N GLU A 346 1.43 14.67 17.66
CA GLU A 346 1.71 14.50 19.08
C GLU A 346 0.64 15.18 19.94
N GLN A 348 -2.60 15.58 19.15
CA GLN A 348 -3.95 15.04 18.97
C GLN A 348 -4.28 14.00 20.04
N PRO A 349 -5.50 14.07 20.59
CA PRO A 349 -5.86 13.17 21.70
C PRO A 349 -5.94 11.72 21.28
N ASP A 350 -6.37 11.46 20.05
CA ASP A 350 -6.61 10.09 19.61
C ASP A 350 -6.15 9.89 18.18
N LEU A 351 -5.00 9.25 18.02
CA LEU A 351 -4.39 9.09 16.71
C LEU A 351 -5.18 8.17 15.80
N SER A 352 -5.85 7.18 16.38
CA SER A 352 -6.63 6.24 15.58
C SER A 352 -7.80 6.92 14.89
N ALA A 353 -8.22 8.07 15.42
CA ALA A 353 -9.32 8.83 14.83
C ALA A 353 -8.88 9.61 13.59
N LEU A 354 -7.59 9.61 13.28
CA LEU A 354 -7.10 10.33 12.11
C LEU A 354 -6.87 9.39 10.95
N VAL A 355 -7.18 8.11 11.15
CA VAL A 355 -6.99 7.10 10.11
C VAL A 355 -8.07 7.29 9.05
N ARG A 356 -7.69 7.45 7.80
CA ARG A 356 -8.69 7.47 6.73
C ARG A 356 -9.08 6.05 6.32
N GLY A 357 -9.78 5.33 7.20
CA GLY A 357 -10.37 4.05 6.83
C GLY A 357 -11.59 4.25 5.95
N ALA A 358 -11.46 5.23 5.08
CA ALA A 358 -12.48 5.82 4.23
C ALA A 358 -13.59 4.98 3.58
N HIS A 359 -14.79 5.54 3.32
CA HIS A 359 -15.46 6.71 3.95
C HIS A 359 -15.18 8.07 3.28
N THR A 360 -13.91 8.43 3.18
CA THR A 360 -13.46 9.70 2.65
C THR A 360 -12.89 9.59 1.23
N TYR A 361 -12.39 8.42 0.85
CA TYR A 361 -12.19 8.08 -0.56
C TYR A 361 -13.54 7.62 -1.04
N LYS A 362 -14.31 8.60 -1.46
CA LYS A 362 -15.64 8.42 -1.96
C LYS A 362 -15.66 9.63 -2.83
N CYS A 363 -16.41 9.60 -3.93
CA CYS A 363 -16.70 10.80 -4.67
C CYS A 363 -16.92 11.92 -3.65
N PRO A 364 -16.15 13.03 -3.75
CA PRO A 364 -15.33 13.50 -4.87
C PRO A 364 -13.83 13.28 -4.76
N ASN A 365 -13.38 12.51 -3.78
CA ASN A 365 -11.94 12.46 -3.52
C ASN A 365 -11.26 11.22 -4.06
N LEU A 366 -9.93 11.21 -3.99
CA LEU A 366 -9.17 10.10 -4.57
C LEU A 366 -7.87 9.85 -3.80
N GLY A 367 -7.51 8.57 -3.68
CA GLY A 367 -6.21 8.21 -3.18
C GLY A 367 -5.37 7.57 -4.27
N ILE A 368 -4.08 7.88 -4.27
CA ILE A 368 -3.19 7.22 -5.20
C ILE A 368 -1.89 6.88 -4.50
N THR A 369 -1.41 5.67 -4.75
CA THR A 369 -0.08 5.31 -4.28
C THR A 369 0.68 4.65 -5.42
N SER A 370 1.95 5.00 -5.53
CA SER A 370 2.77 4.42 -6.57
C SER A 370 3.80 3.43 -6.00
N TRP A 371 3.81 2.22 -6.57
CA TRP A 371 4.79 1.21 -6.19
C TRP A 371 5.89 1.08 -7.26
N VAL A 372 5.95 2.08 -8.14
CA VAL A 372 6.85 2.06 -9.29
C VAL A 372 8.31 1.92 -8.89
N ARG A 373 8.67 2.54 -7.78
CA ARG A 373 10.05 2.57 -7.33
C ARG A 373 10.37 1.40 -6.41
N LEU A 374 9.35 0.63 -6.04
CA LEU A 374 9.52 -0.42 -5.05
C LEU A 374 9.95 -1.76 -5.68
N PRO A 375 10.75 -2.54 -4.93
CA PRO A 375 11.26 -3.83 -5.43
C PRO A 375 10.22 -4.95 -5.30
N ILE A 376 9.07 -4.78 -5.95
CA ILE A 376 7.95 -5.69 -5.79
C ILE A 376 8.10 -7.01 -6.59
N TYR A 377 9.08 -7.10 -7.48
CA TYR A 377 9.29 -8.33 -8.24
C TYR A 377 10.55 -9.05 -7.83
N ASP A 378 11.18 -8.61 -6.74
CA ASP A 378 12.43 -9.23 -6.30
C ASP A 378 12.26 -10.50 -5.47
N ALA A 379 11.02 -10.87 -5.16
CA ALA A 379 10.75 -12.04 -4.34
C ALA A 379 10.84 -13.33 -5.16
N ASP A 380 12.06 -13.77 -5.39
CA ASP A 380 12.34 -15.01 -6.09
C ASP A 380 12.72 -16.01 -5.03
N PHE A 381 11.84 -16.98 -4.77
CA PHE A 381 12.08 -17.97 -3.72
C PHE A 381 12.87 -19.16 -4.25
N GLY A 382 13.37 -19.07 -5.48
CA GLY A 382 14.12 -20.17 -6.09
C GLY A 382 13.44 -20.73 -7.34
N TRP A 383 12.22 -20.29 -7.61
CA TRP A 383 11.54 -20.72 -8.82
C TRP A 383 11.18 -19.57 -9.75
N GLY A 384 11.85 -18.45 -9.59
CA GLY A 384 11.72 -17.35 -10.55
C GLY A 384 10.97 -16.16 -9.97
N ARG A 385 11.09 -15.00 -10.62
CA ARG A 385 10.42 -13.80 -10.13
C ARG A 385 8.93 -13.89 -10.47
N PRO A 386 8.06 -13.23 -9.69
CA PRO A 386 6.63 -13.31 -9.93
C PRO A 386 6.23 -12.66 -11.24
N ILE A 387 5.17 -13.15 -11.87
CA ILE A 387 4.67 -12.53 -13.10
C ILE A 387 3.72 -11.38 -12.78
N PHE A 388 3.35 -11.25 -11.52
CA PHE A 388 2.47 -10.15 -11.10
C PHE A 388 2.58 -9.97 -9.61
N GLY A 390 0.57 -7.18 -6.82
CA GLY A 390 -0.34 -6.06 -6.63
C GLY A 390 -1.11 -6.13 -5.32
N PRO A 391 -1.84 -5.06 -5.00
CA PRO A 391 -2.66 -5.02 -3.78
C PRO A 391 -3.64 -6.18 -3.83
N GLY A 392 -3.96 -6.77 -2.68
CA GLY A 392 -4.74 -7.99 -2.68
C GLY A 392 -6.22 -7.71 -2.60
N GLY A 393 -6.75 -6.98 -3.57
CA GLY A 393 -8.14 -6.58 -3.50
C GLY A 393 -8.26 -5.19 -2.93
N ILE A 394 -8.63 -4.24 -3.78
CA ILE A 394 -8.88 -2.88 -3.36
C ILE A 394 -10.21 -2.82 -2.61
N PRO A 395 -10.16 -2.42 -1.33
CA PRO A 395 -11.29 -2.57 -0.39
C PRO A 395 -12.52 -1.80 -0.82
N TYR A 396 -12.33 -0.58 -1.29
CA TYR A 396 -13.46 0.30 -1.58
C TYR A 396 -13.12 1.34 -2.65
N GLU A 397 -14.17 2.04 -3.07
CA GLU A 397 -14.07 2.98 -4.18
C GLU A 397 -13.14 4.16 -3.87
N GLY A 398 -12.42 4.63 -4.87
CA GLY A 398 -11.65 5.85 -4.74
C GLY A 398 -10.20 5.64 -4.35
N LEU A 399 -9.76 4.39 -4.42
CA LEU A 399 -8.35 4.06 -4.20
C LEU A 399 -7.72 3.59 -5.50
N SER A 400 -6.53 4.10 -5.80
CA SER A 400 -5.80 3.67 -7.00
C SER A 400 -4.32 3.41 -6.71
N PHE A 401 -3.73 2.52 -7.52
CA PHE A 401 -2.34 2.09 -7.36
C PHE A 401 -1.64 2.16 -8.70
N VAL A 402 -0.43 2.70 -8.73
CA VAL A 402 0.38 2.60 -9.95
C VAL A 402 1.44 1.49 -9.81
N LEU A 403 1.42 0.53 -10.73
CA LEU A 403 2.29 -0.63 -10.65
C LEU A 403 3.28 -0.69 -11.81
N PRO A 404 4.56 -0.90 -11.50
CA PRO A 404 5.59 -1.03 -12.55
C PRO A 404 5.39 -2.30 -13.39
N SER A 405 5.99 -2.36 -14.57
CA SER A 405 5.83 -3.55 -15.41
C SER A 405 6.70 -4.69 -14.87
N PRO A 406 6.13 -5.90 -14.83
CA PRO A 406 6.84 -7.14 -14.44
C PRO A 406 8.00 -7.45 -15.38
N THR A 407 7.87 -6.98 -16.62
CA THR A 407 8.86 -7.32 -17.64
C THR A 407 9.72 -6.11 -18.02
N ASN A 408 9.11 -4.92 -17.96
CA ASN A 408 9.82 -3.67 -18.17
C ASN A 408 10.79 -3.68 -19.36
N ASP A 409 10.33 -3.51 -20.62
CA ASP A 409 8.97 -3.19 -21.10
C ASP A 409 8.38 -1.99 -20.39
N GLY A 410 9.05 -0.84 -20.48
CA GLY A 410 8.72 0.34 -19.68
C GLY A 410 7.26 0.77 -19.68
N SER A 411 6.41 -0.15 -19.26
CA SER A 411 4.97 0.01 -19.23
C SER A 411 4.55 0.29 -17.79
N LEU A 412 3.38 0.89 -17.58
CA LEU A 412 2.84 1.03 -16.23
C LEU A 412 1.41 0.60 -16.18
N SER A 413 0.96 0.20 -15.00
CA SER A 413 -0.44 -0.18 -14.84
C SER A 413 -1.10 0.66 -13.76
N VAL A 414 -2.37 0.99 -13.98
CA VAL A 414 -3.14 1.72 -12.99
C VAL A 414 -4.28 0.81 -12.58
N ALA A 415 -4.29 0.45 -11.31
CA ALA A 415 -5.36 -0.36 -10.74
C ALA A 415 -6.21 0.55 -9.87
N ILE A 416 -7.53 0.47 -10.00
CA ILE A 416 -8.39 1.50 -9.39
C ILE A 416 -9.79 0.95 -9.15
N ALA A 417 -10.42 1.42 -8.07
CA ALA A 417 -11.80 1.10 -7.75
C ALA A 417 -12.67 2.35 -7.90
N LEU A 418 -13.72 2.25 -8.69
CA LEU A 418 -14.69 3.32 -8.89
C LEU A 418 -16.10 2.76 -8.95
N GLN A 419 -17.11 3.63 -8.93
CA GLN A 419 -18.50 3.15 -9.10
C GLN A 419 -18.64 2.65 -10.52
N SER A 420 -19.53 1.67 -10.72
CA SER A 420 -19.69 0.94 -11.99
C SER A 420 -19.73 1.86 -13.20
N GLU A 421 -20.68 2.77 -13.18
CA GLU A 421 -20.90 3.65 -14.30
C GLU A 421 -19.75 4.65 -14.49
N HIS A 422 -19.09 5.03 -13.40
CA HIS A 422 -17.94 5.93 -13.48
C HIS A 422 -16.76 5.22 -14.15
N LYS A 424 -16.66 2.97 -16.55
CA LYS A 424 -16.73 2.97 -18.01
C LYS A 424 -16.16 4.27 -18.59
N LEU A 425 -16.63 5.40 -18.07
CA LEU A 425 -16.14 6.71 -18.49
C LEU A 425 -14.65 6.91 -18.22
N PHE A 426 -14.15 6.34 -17.12
CA PHE A 426 -12.73 6.43 -16.78
C PHE A 426 -11.85 6.03 -17.99
N GLU A 427 -12.41 5.37 -19.00
CA GLU A 427 -11.72 5.30 -20.28
C GLU A 427 -11.26 6.67 -20.83
N LYS A 428 -11.65 7.79 -20.18
CA LYS A 428 -10.97 9.11 -20.31
C LYS A 428 -9.48 9.01 -20.01
N PHE A 429 -9.12 7.87 -19.43
CA PHE A 429 -7.76 7.61 -19.07
C PHE A 429 -6.84 7.58 -20.27
N LEU A 430 -7.36 7.20 -21.43
CA LEU A 430 -6.49 6.84 -22.55
C LEU A 430 -6.46 7.88 -23.69
N PHE A 431 -6.37 9.17 -23.36
CA PHE A 431 -5.93 10.15 -24.36
C PHE A 431 -5.20 11.35 -23.76
N GLU A 432 -3.94 11.52 -24.16
CA GLU A 432 -3.16 12.71 -23.81
C GLU A 432 -3.45 13.85 -24.81
N ILE A 433 -4.57 13.73 -25.52
CA ILE A 433 -4.95 14.66 -26.60
C ILE A 433 -3.84 14.79 -27.64
#